data_2CIR
#
_entry.id   2CIR
#
_cell.length_a   43.630
_cell.length_b   157.067
_cell.length_c   104.024
_cell.angle_alpha   90.00
_cell.angle_beta   90.00
_cell.angle_gamma   90.00
#
_symmetry.space_group_name_H-M   'C 2 2 21'
#
loop_
_entity.id
_entity.type
_entity.pdbx_description
1 polymer 'HEXOSE-6-PHOSPHATE MUTAROTASE'
2 non-polymer 6-O-phosphono-beta-D-glucopyranose
3 water water
#
_entity_poly.entity_id   1
_entity_poly.type   'polypeptide(L)'
_entity_poly.pdbx_seq_one_letter_code
;MPIKETDKEVVLTHPADETTSVHILKYGATVYSWKLKSEEQLWLSTAAKLDGSKPVRGGIPLVFPVFGKNSTDEHLSKLP
QHGLARNSTWEFLGQTKENPPTVQFGLKPEIANPELTKLWPMDYLLILTVELGSDYLKTAIEVENTSSSKELKFNWLFHT
YFRIEDIEGTMVSNLAGMKLYDQLLKESYVDKHPVVTFNQETDVIYQNVSAERAIQIVDKGVQIHTLKRYNLPDTVVWNP
WIEKSQGMADFEPKTGYQQMICIEPGHVHDFISLAPGKKWNAYQLL(CSO)KEELKYQAIQ
;
_entity_poly.pdbx_strand_id   A
#
# COMPACT_ATOMS: atom_id res chain seq x y z
N PRO A 2 22.24 -8.40 -2.06
CA PRO A 2 21.92 -9.79 -1.83
C PRO A 2 20.46 -10.01 -1.49
N ILE A 3 20.02 -11.25 -1.64
CA ILE A 3 18.64 -11.60 -1.47
C ILE A 3 18.65 -12.86 -0.61
N LYS A 4 17.96 -12.80 0.53
CA LYS A 4 17.85 -13.91 1.48
C LYS A 4 16.41 -14.28 1.78
N GLU A 5 16.11 -15.58 1.65
CA GLU A 5 14.80 -16.13 1.93
C GLU A 5 14.79 -16.95 3.21
N THR A 6 13.74 -16.76 4.01
CA THR A 6 13.48 -17.62 5.17
C THR A 6 12.04 -18.10 5.09
N ASP A 7 11.64 -18.90 6.08
CA ASP A 7 10.31 -19.47 6.13
C ASP A 7 9.21 -18.40 6.02
N LYS A 8 9.44 -17.25 6.66
CA LYS A 8 8.42 -16.22 6.81
C LYS A 8 8.58 -15.01 5.89
N GLU A 9 9.78 -14.80 5.36
CA GLU A 9 10.03 -13.53 4.67
C GLU A 9 11.16 -13.59 3.65
N VAL A 10 11.30 -12.49 2.89
CA VAL A 10 12.41 -12.32 1.96
C VAL A 10 13.03 -10.95 2.27
N VAL A 11 14.37 -10.91 2.35
CA VAL A 11 15.07 -9.68 2.68
C VAL A 11 16.07 -9.33 1.59
N LEU A 12 15.92 -8.12 1.05
CA LEU A 12 16.83 -7.61 0.03
C LEU A 12 17.76 -6.61 0.67
N THR A 13 19.05 -6.72 0.32
CA THR A 13 20.03 -5.71 0.71
C THR A 13 20.76 -5.20 -0.54
N HIS A 14 20.97 -3.89 -0.62
CA HIS A 14 21.57 -3.33 -1.84
C HIS A 14 23.06 -3.65 -1.92
N PRO A 15 23.53 -4.16 -3.08
CA PRO A 15 24.96 -4.51 -3.15
C PRO A 15 25.93 -3.36 -2.87
N ALA A 16 25.56 -2.13 -3.23
CA ALA A 16 26.46 -0.99 -3.07
C ALA A 16 26.49 -0.48 -1.64
N ASP A 17 25.45 -0.80 -0.88
CA ASP A 17 25.35 -0.39 0.52
C ASP A 17 24.38 -1.31 1.22
N GLU A 18 24.93 -2.28 1.96
CA GLU A 18 24.13 -3.32 2.57
C GLU A 18 23.19 -2.80 3.68
N THR A 19 23.41 -1.57 4.13
CA THR A 19 22.51 -0.93 5.12
C THR A 19 21.22 -0.37 4.47
N THR A 20 21.15 -0.45 3.14
CA THR A 20 19.91 -0.17 2.42
C THR A 20 19.22 -1.52 2.18
N SER A 21 17.98 -1.66 2.61
CA SER A 21 17.34 -2.96 2.66
C SER A 21 15.83 -2.83 2.63
N VAL A 22 15.18 -3.94 2.28
CA VAL A 22 13.73 -4.05 2.37
C VAL A 22 13.36 -5.46 2.82
N HIS A 23 12.42 -5.53 3.76
CA HIS A 23 11.93 -6.80 4.31
C HIS A 23 10.50 -7.00 3.84
N ILE A 24 10.25 -8.15 3.20
CA ILE A 24 8.92 -8.49 2.70
C ILE A 24 8.39 -9.76 3.36
N LEU A 25 7.29 -9.63 4.08
CA LEU A 25 6.65 -10.80 4.70
C LEU A 25 5.93 -11.58 3.61
N LYS A 26 6.10 -12.91 3.56
CA LYS A 26 5.33 -13.70 2.59
C LYS A 26 3.83 -13.54 2.78
N TYR A 27 3.40 -13.46 4.05
CA TYR A 27 2.03 -13.13 4.39
C TYR A 27 1.66 -11.74 3.89
N GLY A 28 0.72 -11.70 2.95
CA GLY A 28 0.28 -10.48 2.28
C GLY A 28 1.28 -9.89 1.28
N ALA A 29 2.38 -10.59 1.03
CA ALA A 29 3.54 -9.97 0.33
C ALA A 29 3.71 -8.55 0.88
N THR A 30 3.79 -8.46 2.21
CA THR A 30 3.76 -7.19 2.92
C THR A 30 5.15 -6.65 3.19
N VAL A 31 5.56 -5.60 2.47
CA VAL A 31 6.78 -4.90 2.82
C VAL A 31 6.54 -4.32 4.22
N TYR A 32 7.43 -4.62 5.18
CA TYR A 32 7.25 -4.06 6.54
C TYR A 32 8.39 -3.18 7.03
N SER A 33 9.48 -3.15 6.27
CA SER A 33 10.63 -2.32 6.58
C SER A 33 11.31 -1.95 5.27
N TRP A 34 11.67 -0.69 5.14
CA TRP A 34 12.52 -0.25 4.05
C TRP A 34 13.50 0.70 4.70
N LYS A 35 14.77 0.28 4.75
CA LYS A 35 15.82 1.11 5.28
C LYS A 35 16.66 1.71 4.17
N LEU A 36 16.91 3.01 4.28
CA LEU A 36 17.76 3.73 3.34
C LEU A 36 18.99 4.16 4.10
N LYS A 37 20.12 3.52 3.79
CA LYS A 37 21.36 3.76 4.52
C LYS A 37 21.11 3.75 6.04
N SER A 38 20.50 2.66 6.49
CA SER A 38 20.16 2.33 7.90
C SER A 38 18.93 3.03 8.47
N GLU A 39 18.38 4.02 7.76
CA GLU A 39 17.26 4.81 8.27
C GLU A 39 15.92 4.25 7.81
N GLU A 40 15.06 3.90 8.77
CA GLU A 40 13.74 3.36 8.44
C GLU A 40 12.83 4.39 7.76
N GLN A 41 12.26 4.00 6.63
CA GLN A 41 11.41 4.88 5.84
C GLN A 41 9.92 4.68 6.10
N LEU A 42 9.58 3.49 6.60
CA LEU A 42 8.17 3.10 6.74
C LEU A 42 7.79 2.98 8.19
N TRP A 43 6.54 3.29 8.52
CA TRP A 43 6.06 3.13 9.90
C TRP A 43 5.48 1.74 10.11
N LEU A 44 5.90 1.12 11.21
CA LEU A 44 5.38 -0.17 11.64
C LEU A 44 5.06 -0.13 13.12
N SER A 45 3.83 -0.52 13.47
CA SER A 45 3.41 -0.62 14.86
C SER A 45 4.31 -1.61 15.60
N THR A 46 4.67 -1.27 16.82
CA THR A 46 5.47 -2.18 17.64
C THR A 46 4.64 -3.41 18.02
N ALA A 47 3.32 -3.30 17.91
CA ALA A 47 2.38 -4.40 18.18
C ALA A 47 1.78 -5.02 16.93
N ALA A 48 2.34 -4.66 15.76
CA ALA A 48 1.90 -5.28 14.51
C ALA A 48 2.10 -6.78 14.59
N LYS A 49 1.14 -7.53 14.05
CA LYS A 49 1.29 -8.97 13.92
C LYS A 49 2.06 -9.28 12.63
N LEU A 50 3.15 -10.03 12.77
CA LEU A 50 3.95 -10.49 11.62
C LEU A 50 3.85 -12.00 11.46
N ASP A 51 2.92 -12.60 12.19
CA ASP A 51 2.80 -14.04 12.28
C ASP A 51 1.71 -14.65 11.38
N GLY A 52 1.08 -13.82 10.55
CA GLY A 52 0.03 -14.30 9.65
C GLY A 52 -1.35 -14.45 10.26
N SER A 53 -1.54 -13.97 11.49
CA SER A 53 -2.83 -14.10 12.18
C SER A 53 -3.86 -13.06 11.72
N LYS A 54 -3.36 -11.93 11.23
CA LYS A 54 -4.20 -10.84 10.76
C LYS A 54 -3.30 -9.91 9.95
N PRO A 55 -3.88 -9.00 9.15
CA PRO A 55 -3.07 -8.03 8.39
C PRO A 55 -2.08 -7.22 9.26
N VAL A 56 -0.94 -6.90 8.65
CA VAL A 56 0.13 -6.14 9.30
C VAL A 56 -0.23 -4.66 9.52
N ARG A 57 -0.13 -4.19 10.77
CA ARG A 57 -0.44 -2.78 11.09
C ARG A 57 0.80 -1.93 10.80
N GLY A 58 0.97 -1.54 9.53
CA GLY A 58 2.15 -0.77 9.13
C GLY A 58 2.75 -1.28 7.83
N GLY A 59 3.87 -0.68 7.42
CA GLY A 59 4.54 -1.08 6.17
C GLY A 59 3.72 -0.75 4.92
N ILE A 60 3.57 -1.71 3.99
CA ILE A 60 2.77 -1.49 2.79
C ILE A 60 1.77 -2.64 2.57
N PRO A 61 0.68 -2.67 3.35
CA PRO A 61 -0.34 -3.68 3.08
C PRO A 61 -0.94 -3.50 1.69
N LEU A 62 -1.27 -4.61 1.06
CA LEU A 62 -1.79 -4.63 -0.30
C LEU A 62 -3.30 -4.80 -0.29
N VAL A 63 -3.99 -3.91 -0.99
CA VAL A 63 -5.44 -3.88 -0.97
C VAL A 63 -6.02 -4.34 -2.31
N PHE A 64 -6.74 -5.47 -2.27
CA PHE A 64 -7.33 -6.10 -3.46
C PHE A 64 -8.28 -7.19 -2.95
N PRO A 65 -9.44 -7.40 -3.61
CA PRO A 65 -9.99 -6.73 -4.79
C PRO A 65 -10.93 -5.57 -4.50
N VAL A 66 -11.01 -5.16 -3.24
CA VAL A 66 -11.92 -4.06 -2.86
C VAL A 66 -11.26 -3.17 -1.82
N PHE A 67 -11.29 -1.87 -2.07
CA PHE A 67 -10.89 -0.87 -1.09
C PHE A 67 -12.08 -0.52 -0.21
N GLY A 68 -11.86 -0.48 1.10
CA GLY A 68 -12.93 -0.19 2.07
C GLY A 68 -13.89 -1.35 2.18
N LYS A 69 -15.13 -1.02 2.54
CA LYS A 69 -16.20 -2.02 2.67
C LYS A 69 -17.25 -1.74 1.61
N ASN A 70 -17.58 -2.77 0.82
CA ASN A 70 -18.53 -2.63 -0.27
C ASN A 70 -19.90 -3.08 0.23
N SER A 71 -20.95 -2.37 -0.22
CA SER A 71 -22.32 -2.74 0.12
C SER A 71 -23.25 -2.78 -1.11
N THR A 72 -22.67 -2.77 -2.30
CA THR A 72 -23.45 -2.71 -3.54
C THR A 72 -23.30 -3.91 -4.47
N ASP A 73 -22.27 -4.71 -4.23
CA ASP A 73 -21.98 -5.88 -5.07
C ASP A 73 -22.21 -7.16 -4.29
N GLU A 74 -22.94 -8.11 -4.90
CA GLU A 74 -23.24 -9.38 -4.25
C GLU A 74 -22.03 -10.06 -3.59
N HIS A 75 -20.91 -10.15 -4.32
CA HIS A 75 -19.78 -10.91 -3.81
C HIS A 75 -18.74 -10.07 -3.07
N LEU A 76 -18.45 -8.89 -3.61
CA LEU A 76 -17.45 -8.01 -3.00
C LEU A 76 -17.90 -7.57 -1.61
N SER A 77 -19.22 -7.42 -1.44
CA SER A 77 -19.77 -7.01 -0.14
C SER A 77 -19.56 -8.05 0.95
N LYS A 78 -19.22 -9.28 0.55
CA LYS A 78 -18.97 -10.36 1.51
C LYS A 78 -17.60 -10.30 2.17
N LEU A 79 -16.66 -9.61 1.52
CA LEU A 79 -15.28 -9.56 2.00
C LEU A 79 -15.11 -8.54 3.13
N PRO A 80 -14.11 -8.74 3.99
CA PRO A 80 -13.85 -7.75 5.01
C PRO A 80 -13.27 -6.50 4.37
N GLN A 81 -13.25 -5.42 5.13
CA GLN A 81 -12.64 -4.18 4.71
C GLN A 81 -11.25 -4.42 4.08
N HIS A 82 -11.06 -3.84 2.89
CA HIS A 82 -9.79 -3.85 2.15
C HIS A 82 -9.42 -5.20 1.52
N GLY A 83 -10.35 -6.14 1.49
CA GLY A 83 -10.18 -7.30 0.60
C GLY A 83 -9.45 -8.49 1.21
N LEU A 84 -8.79 -9.27 0.35
CA LEU A 84 -8.16 -10.54 0.78
C LEU A 84 -6.67 -10.70 0.48
N ALA A 85 -6.08 -9.76 -0.25
CA ALA A 85 -4.64 -9.89 -0.57
C ALA A 85 -3.75 -9.80 0.67
N ARG A 86 -4.14 -8.96 1.62
CA ARG A 86 -3.30 -8.68 2.78
C ARG A 86 -3.48 -9.73 3.88
N ASN A 87 -4.41 -10.66 3.62
CA ASN A 87 -4.83 -11.77 4.50
C ASN A 87 -4.39 -13.14 3.98
N SER A 88 -3.65 -13.15 2.87
CA SER A 88 -3.28 -14.39 2.18
C SER A 88 -1.77 -14.48 2.11
N THR A 89 -1.24 -15.69 2.20
CA THR A 89 0.18 -15.91 2.05
C THR A 89 0.50 -16.08 0.57
N TRP A 90 1.33 -15.16 0.07
CA TRP A 90 1.77 -15.18 -1.32
C TRP A 90 2.93 -16.15 -1.47
N GLU A 91 3.14 -16.59 -2.70
CA GLU A 91 4.28 -17.45 -3.03
C GLU A 91 5.47 -16.60 -3.47
N PHE A 92 6.65 -16.90 -2.94
CA PHE A 92 7.88 -16.29 -3.43
C PHE A 92 8.27 -16.95 -4.74
N LEU A 93 8.22 -16.18 -5.82
CA LEU A 93 8.46 -16.68 -7.18
C LEU A 93 9.95 -16.70 -7.54
N GLY A 94 10.74 -15.90 -6.81
CA GLY A 94 12.18 -15.88 -7.03
C GLY A 94 12.74 -14.50 -7.30
N GLN A 95 14.06 -14.43 -7.38
CA GLN A 95 14.73 -13.20 -7.73
C GLN A 95 14.83 -13.07 -9.24
N THR A 96 14.75 -11.83 -9.72
CA THR A 96 14.86 -11.56 -11.15
C THR A 96 16.09 -10.71 -11.53
N LYS A 97 16.72 -10.10 -10.53
CA LYS A 97 17.91 -9.28 -10.77
C LYS A 97 18.69 -9.16 -9.49
N GLU A 98 20.02 -9.13 -9.60
CA GLU A 98 20.88 -8.95 -8.43
C GLU A 98 21.09 -7.48 -8.09
N ASN A 99 21.21 -6.65 -9.12
CA ASN A 99 21.43 -5.24 -8.92
C ASN A 99 20.74 -4.36 -9.97
N PRO A 100 19.68 -3.63 -9.56
CA PRO A 100 19.12 -3.56 -8.20
C PRO A 100 18.40 -4.86 -7.83
N PRO A 101 18.54 -5.29 -6.56
CA PRO A 101 17.87 -6.54 -6.19
C PRO A 101 16.37 -6.43 -6.47
N THR A 102 15.84 -7.44 -7.14
CA THR A 102 14.46 -7.44 -7.58
C THR A 102 13.90 -8.84 -7.40
N VAL A 103 12.70 -8.92 -6.80
CA VAL A 103 12.06 -10.22 -6.52
C VAL A 103 10.60 -10.16 -6.90
N GLN A 104 10.00 -11.33 -7.07
CA GLN A 104 8.57 -11.41 -7.37
C GLN A 104 7.82 -12.30 -6.38
N PHE A 105 6.57 -11.93 -6.11
CA PHE A 105 5.64 -12.73 -5.31
C PHE A 105 4.36 -12.94 -6.11
N GLY A 106 3.73 -14.09 -5.94
CA GLY A 106 2.48 -14.37 -6.69
C GLY A 106 1.31 -14.76 -5.79
N LEU A 107 0.11 -14.49 -6.28
CA LEU A 107 -1.12 -14.94 -5.60
C LEU A 107 -2.13 -15.40 -6.63
N LYS A 108 -2.79 -16.51 -6.31
CA LYS A 108 -3.91 -17.01 -7.09
C LYS A 108 -4.86 -17.69 -6.10
N PRO A 109 -6.14 -17.87 -6.47
CA PRO A 109 -7.12 -18.43 -5.55
C PRO A 109 -6.68 -19.71 -4.84
N GLU A 110 -5.99 -20.59 -5.57
CA GLU A 110 -5.59 -21.90 -5.03
C GLU A 110 -4.71 -21.83 -3.78
N ILE A 111 -3.97 -20.73 -3.62
CA ILE A 111 -3.08 -20.55 -2.46
C ILE A 111 -3.53 -19.41 -1.52
N ALA A 112 -4.60 -18.72 -1.88
CA ALA A 112 -5.07 -17.56 -1.09
C ALA A 112 -5.84 -18.00 0.17
N ASN A 113 -6.23 -17.04 1.00
CA ASN A 113 -6.98 -17.28 2.24
C ASN A 113 -8.23 -18.09 1.89
N PRO A 114 -8.35 -19.32 2.42
CA PRO A 114 -9.45 -20.20 1.98
C PRO A 114 -10.85 -19.67 2.29
N GLU A 115 -11.05 -19.14 3.49
CA GLU A 115 -12.35 -18.60 3.89
C GLU A 115 -12.76 -17.47 2.96
N LEU A 116 -11.84 -16.54 2.73
CA LEU A 116 -12.16 -15.37 1.91
C LEU A 116 -12.33 -15.70 0.44
N THR A 117 -11.58 -16.70 -0.04
CA THR A 117 -11.68 -17.14 -1.41
C THR A 117 -13.04 -17.75 -1.65
N LYS A 118 -13.55 -18.48 -0.66
CA LYS A 118 -14.90 -19.04 -0.77
C LYS A 118 -15.96 -17.92 -0.84
N LEU A 119 -15.70 -16.80 -0.17
CA LEU A 119 -16.63 -15.68 -0.21
C LEU A 119 -16.61 -14.94 -1.55
N TRP A 120 -15.42 -14.84 -2.14
CA TRP A 120 -15.23 -14.14 -3.41
C TRP A 120 -14.46 -15.09 -4.34
N PRO A 121 -15.17 -16.06 -4.93
CA PRO A 121 -14.53 -17.13 -5.71
C PRO A 121 -14.23 -16.73 -7.17
N MET A 122 -13.58 -15.57 -7.35
CA MET A 122 -13.25 -15.09 -8.69
C MET A 122 -11.82 -15.47 -9.03
N ASP A 123 -11.58 -15.71 -10.30
CA ASP A 123 -10.24 -16.14 -10.73
C ASP A 123 -9.35 -14.94 -11.07
N TYR A 124 -8.08 -15.07 -10.71
CA TYR A 124 -7.10 -13.99 -10.96
C TYR A 124 -5.71 -14.57 -10.78
N LEU A 125 -4.70 -13.83 -11.25
CA LEU A 125 -3.30 -14.10 -10.91
C LEU A 125 -2.67 -12.75 -10.61
N LEU A 126 -2.06 -12.62 -9.44
CA LEU A 126 -1.31 -11.38 -9.08
C LEU A 126 0.17 -11.66 -9.08
N ILE A 127 0.96 -10.74 -9.62
CA ILE A 127 2.42 -10.79 -9.51
C ILE A 127 2.88 -9.42 -8.99
N LEU A 128 3.47 -9.43 -7.80
CA LEU A 128 4.10 -8.24 -7.21
C LEU A 128 5.59 -8.29 -7.50
N THR A 129 6.11 -7.20 -8.04
CA THR A 129 7.56 -7.10 -8.28
C THR A 129 8.07 -6.02 -7.36
N VAL A 130 9.11 -6.34 -6.57
CA VAL A 130 9.69 -5.38 -5.63
C VAL A 130 11.14 -5.18 -6.02
N GLU A 131 11.52 -3.93 -6.26
CA GLU A 131 12.85 -3.55 -6.71
C GLU A 131 13.43 -2.56 -5.72
N LEU A 132 14.58 -2.91 -5.15
CA LEU A 132 15.26 -2.05 -4.18
C LEU A 132 16.39 -1.32 -4.87
N GLY A 133 16.21 -0.03 -5.12
CA GLY A 133 17.27 0.79 -5.71
C GLY A 133 18.22 1.30 -4.64
N SER A 134 19.29 2.00 -5.05
CA SER A 134 20.15 2.65 -4.05
C SER A 134 19.41 3.73 -3.26
N ASP A 135 18.41 4.34 -3.87
CA ASP A 135 17.74 5.50 -3.25
C ASP A 135 16.22 5.54 -3.54
N TYR A 136 15.67 4.39 -3.88
CA TYR A 136 14.23 4.24 -4.11
C TYR A 136 13.74 2.83 -3.80
N LEU A 137 12.42 2.69 -3.66
CA LEU A 137 11.78 1.39 -3.51
C LEU A 137 10.62 1.40 -4.51
N LYS A 138 10.60 0.45 -5.42
CA LYS A 138 9.52 0.35 -6.41
C LYS A 138 8.74 -0.93 -6.14
N THR A 139 7.42 -0.80 -5.98
CA THR A 139 6.57 -1.96 -5.81
C THR A 139 5.59 -1.93 -6.96
N ALA A 140 5.70 -2.91 -7.84
CA ALA A 140 4.85 -2.96 -9.05
C ALA A 140 3.87 -4.14 -8.97
N ILE A 141 2.69 -3.97 -9.54
CA ILE A 141 1.68 -5.05 -9.50
C ILE A 141 1.17 -5.32 -10.90
N GLU A 142 0.95 -6.60 -11.23
CA GLU A 142 0.27 -6.96 -12.46
C GLU A 142 -0.86 -7.87 -12.05
N VAL A 143 -2.04 -7.59 -12.58
CA VAL A 143 -3.22 -8.43 -12.34
C VAL A 143 -3.63 -9.05 -13.68
N GLU A 144 -3.79 -10.37 -13.71
CA GLU A 144 -4.29 -11.05 -14.93
C GLU A 144 -5.63 -11.70 -14.63
N ASN A 145 -6.59 -11.49 -15.52
CA ASN A 145 -7.84 -12.24 -15.46
C ASN A 145 -7.63 -13.59 -16.13
N THR A 146 -7.41 -14.62 -15.32
CA THR A 146 -7.15 -15.96 -15.83
C THR A 146 -8.43 -16.75 -16.14
N SER A 147 -9.60 -16.13 -15.95
CA SER A 147 -10.87 -16.75 -16.38
C SER A 147 -10.97 -16.74 -17.90
N SER A 148 -11.58 -17.81 -18.44
CA SER A 148 -11.86 -17.85 -19.86
C SER A 148 -13.19 -17.18 -20.21
N SER A 149 -14.03 -16.95 -19.20
CA SER A 149 -15.43 -16.55 -19.45
C SER A 149 -15.92 -15.32 -18.68
N LYS A 150 -15.38 -15.08 -17.48
CA LYS A 150 -15.93 -14.05 -16.59
C LYS A 150 -15.08 -12.79 -16.61
N GLU A 151 -15.73 -11.63 -16.52
CA GLU A 151 -15.03 -10.36 -16.31
C GLU A 151 -14.51 -10.32 -14.87
N LEU A 152 -13.36 -9.69 -14.66
CA LEU A 152 -12.80 -9.52 -13.33
C LEU A 152 -12.91 -8.05 -12.93
N LYS A 153 -13.60 -7.80 -11.83
CA LYS A 153 -13.89 -6.45 -11.32
C LYS A 153 -13.14 -6.23 -10.01
N PHE A 154 -12.30 -5.20 -9.94
CA PHE A 154 -11.51 -4.99 -8.71
C PHE A 154 -10.97 -3.56 -8.53
N ASN A 155 -10.63 -3.27 -7.27
CA ASN A 155 -9.79 -2.12 -6.89
C ASN A 155 -8.39 -2.64 -6.57
N TRP A 156 -7.41 -1.76 -6.67
CA TRP A 156 -6.05 -2.03 -6.20
C TRP A 156 -5.56 -0.80 -5.44
N LEU A 157 -4.96 -1.01 -4.27
CA LEU A 157 -4.30 0.11 -3.57
C LEU A 157 -3.09 -0.37 -2.77
N PHE A 158 -2.04 0.46 -2.74
CA PHE A 158 -0.91 0.25 -1.85
C PHE A 158 -1.11 1.08 -0.60
N HIS A 159 -1.23 0.43 0.56
CA HIS A 159 -1.59 1.14 1.78
C HIS A 159 -0.34 1.65 2.51
N THR A 160 0.39 2.56 1.89
CA THR A 160 1.74 2.88 2.34
C THR A 160 1.77 3.72 3.62
N TYR A 161 2.43 3.22 4.66
CA TYR A 161 2.61 3.94 5.91
C TYR A 161 4.00 4.59 5.90
N PHE A 162 4.07 5.88 5.57
CA PHE A 162 5.35 6.60 5.64
C PHE A 162 5.71 6.93 7.07
N ARG A 163 6.98 6.72 7.42
CA ARG A 163 7.49 7.15 8.73
C ARG A 163 7.92 8.62 8.66
N ILE A 164 7.51 9.38 9.67
CA ILE A 164 7.87 10.78 9.79
C ILE A 164 8.26 11.01 11.23
N GLU A 165 8.84 12.17 11.50
CA GLU A 165 9.27 12.50 12.86
C GLU A 165 8.12 13.03 13.73
N ASP A 166 7.36 13.96 13.19
CA ASP A 166 6.24 14.56 13.94
C ASP A 166 5.16 15.09 13.01
N ILE A 167 3.99 14.48 13.11
CA ILE A 167 2.84 14.79 12.25
C ILE A 167 2.43 16.27 12.29
N GLU A 168 2.51 16.88 13.47
CA GLU A 168 2.00 18.25 13.54
C GLU A 168 2.92 19.27 12.87
N GLY A 169 4.16 18.86 12.55
CA GLY A 169 5.07 19.68 11.75
C GLY A 169 5.14 19.31 10.28
N THR A 170 4.33 18.34 9.87
CA THR A 170 4.42 17.76 8.54
C THR A 170 3.45 18.43 7.55
N MET A 171 3.91 18.59 6.32
CA MET A 171 2.98 19.00 5.28
C MET A 171 3.16 18.19 4.02
N VAL A 172 2.07 18.06 3.27
CA VAL A 172 2.09 17.25 2.05
C VAL A 172 1.79 18.17 0.88
N SER A 173 2.68 18.17 -0.10
CA SER A 173 2.55 19.14 -1.19
C SER A 173 2.14 18.46 -2.48
N ASN A 174 1.60 19.25 -3.40
CA ASN A 174 1.19 18.82 -4.74
C ASN A 174 -0.20 18.21 -4.88
N LEU A 175 -1.03 18.45 -3.88
CA LEU A 175 -2.42 18.01 -3.93
C LEU A 175 -3.39 19.20 -3.95
N ALA A 176 -2.85 20.40 -3.88
CA ALA A 176 -3.63 21.63 -3.90
C ALA A 176 -4.49 21.67 -5.16
N GLY A 177 -5.77 22.00 -4.98
CA GLY A 177 -6.67 22.18 -6.12
C GLY A 177 -7.32 20.91 -6.63
N MET A 178 -6.98 19.78 -6.04
CA MET A 178 -7.55 18.48 -6.45
C MET A 178 -8.85 18.18 -5.72
N LYS A 179 -9.74 17.46 -6.39
CA LYS A 179 -10.99 17.01 -5.79
C LYS A 179 -10.75 15.81 -4.90
N LEU A 180 -11.40 15.81 -3.74
CA LEU A 180 -11.35 14.69 -2.83
C LEU A 180 -12.73 14.32 -2.30
N TYR A 181 -12.83 13.08 -1.82
CA TYR A 181 -13.98 12.64 -1.05
C TYR A 181 -13.53 12.43 0.39
N ASP A 182 -14.21 13.10 1.33
CA ASP A 182 -13.83 13.07 2.72
C ASP A 182 -14.68 12.00 3.37
N GLN A 183 -14.02 10.90 3.77
CA GLN A 183 -14.75 9.75 4.35
C GLN A 183 -15.27 10.01 5.76
N LEU A 184 -14.81 11.08 6.38
CA LEU A 184 -15.27 11.45 7.72
C LEU A 184 -16.50 12.32 7.64
N LEU A 185 -16.45 13.34 6.79
CA LEU A 185 -17.56 14.27 6.65
C LEU A 185 -18.63 13.74 5.71
N LYS A 186 -18.26 12.71 4.93
CA LYS A 186 -19.14 12.11 3.93
C LYS A 186 -19.57 13.10 2.85
N GLU A 187 -18.60 13.92 2.40
CA GLU A 187 -18.82 14.86 1.30
C GLU A 187 -17.59 14.99 0.41
N SER A 188 -17.81 15.47 -0.80
CA SER A 188 -16.72 15.74 -1.74
C SER A 188 -16.50 17.23 -1.81
N TYR A 189 -15.24 17.63 -1.98
CA TYR A 189 -14.89 19.03 -2.15
C TYR A 189 -13.48 19.14 -2.71
N VAL A 190 -13.15 20.33 -3.23
CA VAL A 190 -11.82 20.63 -3.71
C VAL A 190 -10.94 21.06 -2.55
N ASP A 191 -9.70 20.54 -2.52
CA ASP A 191 -8.75 20.97 -1.51
C ASP A 191 -8.22 22.36 -1.88
N LYS A 192 -8.69 23.37 -1.16
CA LYS A 192 -8.30 24.77 -1.42
C LYS A 192 -7.07 25.20 -0.61
N HIS A 193 -6.50 24.28 0.18
CA HIS A 193 -5.28 24.58 0.93
C HIS A 193 -4.05 24.39 0.02
N PRO A 194 -3.02 25.24 0.17
CA PRO A 194 -1.82 25.12 -0.69
C PRO A 194 -0.95 23.92 -0.35
N VAL A 195 -1.07 23.45 0.89
CA VAL A 195 -0.48 22.19 1.35
C VAL A 195 -1.46 21.51 2.29
N VAL A 196 -1.28 20.20 2.48
CA VAL A 196 -2.08 19.46 3.46
C VAL A 196 -1.34 19.41 4.79
N THR A 197 -2.03 19.81 5.86
CA THR A 197 -1.49 19.69 7.20
C THR A 197 -2.45 18.86 8.06
N PHE A 198 -2.00 18.51 9.26
CA PHE A 198 -2.68 17.51 10.08
C PHE A 198 -2.81 17.93 11.53
N ASN A 199 -4.06 18.08 11.99
CA ASN A 199 -4.29 18.37 13.42
C ASN A 199 -5.46 17.58 14.01
N GLN A 200 -5.91 16.58 13.27
CA GLN A 200 -7.01 15.72 13.68
C GLN A 200 -7.07 14.52 12.75
N GLU A 201 -7.96 13.58 13.07
CA GLU A 201 -8.23 12.44 12.20
C GLU A 201 -8.49 12.88 10.77
N THR A 202 -7.86 12.18 9.83
CA THR A 202 -7.99 12.53 8.43
C THR A 202 -8.18 11.25 7.65
N ASP A 203 -9.13 11.26 6.73
CA ASP A 203 -9.44 10.09 5.92
C ASP A 203 -10.07 10.57 4.63
N VAL A 204 -9.24 10.84 3.64
CA VAL A 204 -9.71 11.48 2.40
C VAL A 204 -9.21 10.72 1.18
N ILE A 205 -9.98 10.79 0.08
CA ILE A 205 -9.58 10.13 -1.17
C ILE A 205 -9.47 11.18 -2.27
N TYR A 206 -8.24 11.50 -2.68
CA TYR A 206 -8.02 12.39 -3.81
C TYR A 206 -8.18 11.64 -5.13
N GLN A 207 -8.65 12.36 -6.15
CA GLN A 207 -8.89 11.80 -7.49
C GLN A 207 -7.99 12.45 -8.54
N ASN A 208 -7.77 11.73 -9.64
CA ASN A 208 -7.05 12.28 -10.83
C ASN A 208 -5.58 12.69 -10.63
N VAL A 209 -4.79 11.88 -9.95
CA VAL A 209 -3.33 12.09 -9.91
C VAL A 209 -2.58 11.24 -10.96
N SER A 210 -1.83 11.91 -11.84
CA SER A 210 -1.15 11.21 -12.95
C SER A 210 0.28 10.81 -12.63
N ALA A 211 0.89 10.04 -13.52
CA ALA A 211 2.32 9.71 -13.39
C ALA A 211 3.22 10.95 -13.29
N GLU A 212 2.69 12.12 -13.65
CA GLU A 212 3.51 13.34 -13.75
C GLU A 212 3.55 14.14 -12.46
N ARG A 213 2.66 13.81 -11.53
CA ARG A 213 2.50 14.57 -10.29
C ARG A 213 3.15 13.82 -9.14
N ALA A 214 4.33 14.27 -8.69
CA ALA A 214 4.95 13.66 -7.50
C ALA A 214 4.39 14.33 -6.26
N ILE A 215 4.09 13.52 -5.25
CA ILE A 215 3.61 14.05 -3.99
C ILE A 215 4.78 14.08 -3.04
N GLN A 216 4.94 15.18 -2.32
CA GLN A 216 6.09 15.32 -1.42
C GLN A 216 5.62 15.47 0.01
N ILE A 217 6.34 14.83 0.92
CA ILE A 217 6.12 14.98 2.36
C ILE A 217 7.27 15.82 2.90
N VAL A 218 6.93 16.91 3.57
CA VAL A 218 7.90 17.92 3.99
C VAL A 218 7.90 18.05 5.51
N ASP A 219 9.10 18.15 6.08
CA ASP A 219 9.28 18.50 7.49
C ASP A 219 10.49 19.41 7.62
N LYS A 220 10.33 20.49 8.37
CA LYS A 220 11.41 21.46 8.62
C LYS A 220 12.10 21.91 7.32
N GLY A 221 11.29 22.25 6.32
CA GLY A 221 11.80 22.68 5.01
C GLY A 221 12.60 21.61 4.26
N VAL A 222 12.54 20.37 4.76
CA VAL A 222 13.24 19.25 4.13
C VAL A 222 12.22 18.27 3.54
N GLN A 223 12.46 17.90 2.29
CA GLN A 223 11.65 16.95 1.55
C GLN A 223 11.99 15.52 1.97
N ILE A 224 11.24 14.98 2.92
CA ILE A 224 11.63 13.70 3.51
C ILE A 224 11.14 12.48 2.73
N HIS A 225 10.09 12.65 1.92
CA HIS A 225 9.61 11.55 1.07
C HIS A 225 9.02 12.08 -0.23
N THR A 226 9.19 11.31 -1.30
CA THR A 226 8.56 11.61 -2.60
C THR A 226 7.86 10.35 -3.06
N LEU A 227 6.61 10.51 -3.47
CA LEU A 227 5.81 9.38 -3.94
C LEU A 227 5.45 9.62 -5.39
N LYS A 228 5.87 8.69 -6.26
CA LYS A 228 5.51 8.68 -7.69
C LYS A 228 4.70 7.42 -7.94
N ARG A 229 3.97 7.40 -9.05
CA ARG A 229 3.15 6.25 -9.37
C ARG A 229 2.89 6.14 -10.85
N TYR A 230 2.47 4.96 -11.27
CA TYR A 230 1.98 4.76 -12.63
C TYR A 230 0.65 4.01 -12.54
N ASN A 231 -0.38 4.55 -13.19
CA ASN A 231 -1.66 3.88 -13.38
C ASN A 231 -2.50 3.70 -12.11
N LEU A 232 -2.32 4.65 -11.18
CA LEU A 232 -3.07 4.64 -9.91
C LEU A 232 -3.58 6.07 -9.70
N PRO A 233 -4.79 6.36 -10.21
CA PRO A 233 -5.23 7.76 -10.26
C PRO A 233 -5.67 8.35 -8.91
N ASP A 234 -5.90 7.48 -7.93
CA ASP A 234 -6.40 7.93 -6.62
C ASP A 234 -5.30 7.96 -5.57
N THR A 235 -5.48 8.81 -4.57
CA THR A 235 -4.56 8.83 -3.43
C THR A 235 -5.34 8.99 -2.15
N VAL A 236 -5.26 7.99 -1.30
CA VAL A 236 -5.86 8.07 0.02
C VAL A 236 -4.88 8.67 1.00
N VAL A 237 -5.34 9.67 1.76
CA VAL A 237 -4.49 10.27 2.80
C VAL A 237 -5.19 9.97 4.13
N TRP A 238 -4.48 9.31 5.03
CA TRP A 238 -5.11 8.85 6.27
C TRP A 238 -4.18 8.94 7.47
N ASN A 239 -4.72 9.48 8.56
CA ASN A 239 -4.06 9.36 9.86
C ASN A 239 -5.16 9.15 10.90
N PRO A 240 -5.05 8.09 11.72
CA PRO A 240 -6.16 7.76 12.62
C PRO A 240 -6.34 8.78 13.76
N TRP A 241 -5.29 9.52 14.08
CA TRP A 241 -5.26 10.42 15.24
C TRP A 241 -5.42 9.66 16.57
N ILE A 242 -5.85 10.36 17.62
CA ILE A 242 -5.77 9.81 18.99
C ILE A 242 -6.75 8.67 19.27
N GLU A 243 -8.03 8.93 19.06
CA GLU A 243 -9.09 8.02 19.49
C GLU A 243 -9.05 6.68 18.76
N LYS A 244 -8.92 6.76 17.44
CA LYS A 244 -8.88 5.54 16.62
C LYS A 244 -7.63 4.71 16.89
N SER A 245 -6.49 5.38 17.06
CA SER A 245 -5.23 4.74 17.44
C SER A 245 -5.43 3.97 18.74
N GLN A 246 -6.08 4.62 19.70
CA GLN A 246 -6.34 4.04 21.01
C GLN A 246 -7.19 2.77 20.89
N GLY A 247 -8.15 2.77 19.98
CA GLY A 247 -9.07 1.64 19.79
C GLY A 247 -8.54 0.45 18.98
N MET A 248 -7.35 0.61 18.37
CA MET A 248 -6.71 -0.47 17.60
C MET A 248 -5.71 -1.22 18.46
N ALA A 249 -6.03 -2.47 18.81
CA ALA A 249 -5.19 -3.25 19.73
C ALA A 249 -3.77 -3.49 19.21
N ASP A 250 -3.64 -3.59 17.89
CA ASP A 250 -2.33 -3.86 17.28
C ASP A 250 -1.58 -2.59 16.91
N PHE A 251 -2.09 -1.44 17.38
CA PHE A 251 -1.45 -0.14 17.13
C PHE A 251 -0.75 0.30 18.41
N GLU A 252 0.57 0.27 18.38
CA GLU A 252 1.44 0.75 19.48
C GLU A 252 2.71 1.41 18.92
N PRO A 253 3.25 2.43 19.62
CA PRO A 253 2.69 3.09 20.81
C PRO A 253 1.47 3.92 20.44
N LYS A 254 0.68 4.29 21.44
CA LYS A 254 -0.54 5.05 21.19
C LYS A 254 -0.29 6.47 20.67
N THR A 255 0.90 7.00 20.93
CA THR A 255 1.36 8.28 20.34
C THR A 255 1.91 8.07 18.91
N GLY A 256 1.86 6.83 18.43
CA GLY A 256 2.47 6.45 17.17
C GLY A 256 1.87 7.06 15.93
N TYR A 257 0.64 7.55 16.04
CA TYR A 257 0.02 8.30 14.92
C TYR A 257 0.85 9.56 14.60
N GLN A 258 1.66 10.00 15.56
CA GLN A 258 2.52 11.17 15.37
C GLN A 258 3.71 10.89 14.45
N GLN A 259 4.01 9.60 14.23
CA GLN A 259 5.19 9.23 13.44
C GLN A 259 4.82 8.56 12.12
N MET A 260 3.56 8.65 11.71
CA MET A 260 3.12 8.06 10.44
C MET A 260 2.20 9.00 9.69
N ILE A 261 2.25 8.89 8.37
CA ILE A 261 1.18 9.36 7.52
C ILE A 261 1.02 8.35 6.39
N CYS A 262 -0.22 7.92 6.17
CA CYS A 262 -0.51 7.06 5.01
C CYS A 262 -0.86 7.92 3.82
N ILE A 263 -0.10 7.72 2.75
CA ILE A 263 -0.40 8.36 1.45
C ILE A 263 -0.40 7.17 0.49
N GLU A 264 -1.59 6.82 0.01
CA GLU A 264 -1.87 5.48 -0.53
C GLU A 264 -2.31 5.60 -1.98
N PRO A 265 -1.41 5.32 -2.93
CA PRO A 265 -1.82 5.40 -4.34
C PRO A 265 -2.67 4.17 -4.71
N GLY A 266 -3.72 4.39 -5.48
CA GLY A 266 -4.60 3.28 -5.82
C GLY A 266 -5.53 3.58 -6.95
N HIS A 267 -6.30 2.57 -7.30
CA HIS A 267 -7.41 2.73 -8.22
C HIS A 267 -8.65 2.27 -7.43
N VAL A 268 -9.34 3.24 -6.85
CA VAL A 268 -10.42 2.96 -5.89
C VAL A 268 -11.70 3.79 -6.14
N HIS A 269 -11.61 4.83 -6.95
CA HIS A 269 -12.79 5.68 -7.26
C HIS A 269 -13.89 4.89 -7.99
N ASP A 270 -13.44 3.96 -8.82
CA ASP A 270 -14.31 3.01 -9.49
C ASP A 270 -13.58 1.66 -9.61
N PHE A 271 -14.29 0.66 -10.10
CA PHE A 271 -13.66 -0.64 -10.33
C PHE A 271 -13.05 -0.74 -11.70
N ILE A 272 -11.90 -1.41 -11.76
CA ILE A 272 -11.30 -1.82 -13.02
C ILE A 272 -12.02 -3.09 -13.46
N SER A 273 -12.36 -3.16 -14.73
CA SER A 273 -12.97 -4.36 -15.29
C SER A 273 -12.00 -4.95 -16.33
N LEU A 274 -11.62 -6.20 -16.14
CA LEU A 274 -10.72 -6.89 -17.05
C LEU A 274 -11.47 -7.98 -17.76
N ALA A 275 -11.46 -7.95 -19.08
CA ALA A 275 -12.04 -9.03 -19.88
C ALA A 275 -11.21 -10.31 -19.70
N PRO A 276 -11.80 -11.48 -20.01
CA PRO A 276 -11.03 -12.73 -19.92
C PRO A 276 -9.67 -12.65 -20.61
N GLY A 277 -8.63 -13.10 -19.91
CA GLY A 277 -7.26 -13.11 -20.42
C GLY A 277 -6.51 -11.78 -20.46
N LYS A 278 -7.20 -10.68 -20.12
CA LYS A 278 -6.58 -9.36 -20.14
C LYS A 278 -5.78 -9.09 -18.86
N LYS A 279 -4.83 -8.15 -18.95
CA LYS A 279 -3.97 -7.80 -17.82
C LYS A 279 -4.01 -6.30 -17.57
N TRP A 280 -3.75 -5.93 -16.32
CA TRP A 280 -3.63 -4.53 -15.89
C TRP A 280 -2.37 -4.44 -15.04
N ASN A 281 -1.63 -3.33 -15.15
CA ASN A 281 -0.47 -3.17 -14.27
C ASN A 281 -0.28 -1.74 -13.80
N ALA A 282 0.47 -1.59 -12.71
CA ALA A 282 0.67 -0.28 -12.08
C ALA A 282 1.88 -0.37 -11.18
N TYR A 283 2.32 0.77 -10.69
CA TYR A 283 3.32 0.72 -9.60
C TYR A 283 3.31 1.95 -8.72
N GLN A 284 3.90 1.80 -7.55
CA GLN A 284 4.26 2.93 -6.71
C GLN A 284 5.78 2.98 -6.64
N LEU A 285 6.31 4.19 -6.62
CA LEU A 285 7.77 4.40 -6.57
C LEU A 285 8.04 5.41 -5.48
N LEU A 286 8.77 4.97 -4.46
CA LEU A 286 9.09 5.79 -3.29
C LEU A 286 10.52 6.24 -3.40
N LYS A 288 13.43 9.95 -2.70
CA LYS A 288 13.76 11.23 -2.09
C LYS A 288 14.29 12.18 -3.17
N GLU A 289 13.66 13.34 -3.26
CA GLU A 289 14.20 14.41 -4.06
C GLU A 289 14.38 15.59 -3.11
#